data_4J47
#
_entry.id   4J47
#
_cell.length_a   74.539
_cell.length_b   74.539
_cell.length_c   108.671
_cell.angle_alpha   90.00
_cell.angle_beta   90.00
_cell.angle_gamma   90.00
#
_symmetry.space_group_name_H-M   'I 4 2 2'
#
loop_
_entity.id
_entity.type
_entity.pdbx_description
1 polymer 'E3 ubiquitin-protein ligase XIAP'
2 polymer 'PEPTIDE (SER-VAL-PRO-ILE)'
3 non-polymer 'ZINC ION'
4 water water
#
loop_
_entity_poly.entity_id
_entity_poly.type
_entity_poly.pdbx_seq_one_letter_code
_entity_poly.pdbx_strand_id
1 'polypeptide(L)'
;GTIYPRNPAMYSEEARLKSFQNWPDYAHLTPRELASAGLYYTGIGDQVQCFACGGKLKNWEPGDRAWSEHRRHFPNCFFV
LGRNLN
;
A,C
2 'polypeptide(L)' SVPI B
#
loop_
_chem_comp.id
_chem_comp.type
_chem_comp.name
_chem_comp.formula
ZN non-polymer 'ZINC ION' 'Zn 2'
#
# COMPACT_ATOMS: atom_id res chain seq x y z
N GLY A 1 -8.80 7.21 9.32
CA GLY A 1 -7.33 7.18 8.99
C GLY A 1 -7.01 7.59 7.56
N THR A 2 -5.75 7.83 7.30
CA THR A 2 -5.33 8.30 5.99
C THR A 2 -5.02 7.15 5.03
N ILE A 3 -4.97 5.93 5.56
CA ILE A 3 -4.87 4.68 4.77
C ILE A 3 -6.06 3.80 5.18
N TYR A 4 -6.44 2.86 4.33
CA TYR A 4 -7.58 2.04 4.63
C TYR A 4 -7.33 0.69 3.91
N PRO A 5 -7.48 -0.45 4.61
CA PRO A 5 -7.25 -1.75 4.00
C PRO A 5 -8.35 -2.06 3.03
N ARG A 6 -8.02 -2.62 1.88
CA ARG A 6 -9.01 -3.19 0.99
C ARG A 6 -9.91 -4.22 1.68
N ASN A 7 -9.41 -5.04 2.60
CA ASN A 7 -10.24 -6.03 3.34
C ASN A 7 -9.99 -6.06 4.85
N PRO A 8 -10.76 -5.22 5.62
CA PRO A 8 -10.62 -5.05 7.06
C PRO A 8 -10.73 -6.36 7.84
N ALA A 9 -11.52 -7.30 7.40
CA ALA A 9 -11.70 -8.55 8.16
C ALA A 9 -10.41 -9.37 8.09
N MET A 10 -9.72 -9.24 6.96
CA MET A 10 -8.47 -9.94 6.76
C MET A 10 -7.33 -9.21 7.31
N TYR A 11 -7.65 -8.15 8.08
CA TYR A 11 -6.69 -7.46 8.85
C TYR A 11 -5.89 -8.39 9.79
N SER A 12 -6.62 -9.38 10.32
CA SER A 12 -6.13 -10.39 11.21
C SER A 12 -5.35 -11.46 10.45
N GLU A 13 -4.12 -11.71 10.89
CA GLU A 13 -3.31 -12.81 10.33
C GLU A 13 -3.99 -14.15 10.51
N GLU A 14 -4.64 -14.37 11.64
CA GLU A 14 -5.35 -15.61 11.87
C GLU A 14 -6.51 -15.77 10.91
N ALA A 15 -7.21 -14.68 10.60
CA ALA A 15 -8.28 -14.76 9.61
C ALA A 15 -7.71 -15.10 8.25
N ARG A 16 -6.53 -14.53 7.94
CA ARG A 16 -5.91 -14.82 6.65
C ARG A 16 -5.51 -16.28 6.61
N LEU A 17 -4.94 -16.81 7.65
CA LEU A 17 -4.52 -18.18 7.69
C LEU A 17 -5.68 -19.12 7.46
N LYS A 18 -6.82 -18.87 8.11
CA LYS A 18 -7.99 -19.71 7.93
C LYS A 18 -8.49 -19.78 6.50
N SER A 19 -8.27 -18.71 5.74
CA SER A 19 -8.74 -18.65 4.35
C SER A 19 -8.10 -19.74 3.49
N PHE A 20 -6.98 -20.31 3.93
CA PHE A 20 -6.30 -21.34 3.17
C PHE A 20 -6.78 -22.77 3.40
N GLN A 21 -7.90 -22.93 4.08
CA GLN A 21 -8.45 -24.24 4.29
C GLN A 21 -8.48 -25.14 3.06
N ASN A 22 -8.83 -24.56 1.92
CA ASN A 22 -8.95 -25.34 0.70
C ASN A 22 -7.92 -24.89 -0.34
N TRP A 23 -6.80 -24.34 0.12
CA TRP A 23 -5.65 -24.05 -0.73
C TRP A 23 -5.27 -25.33 -1.48
N PRO A 24 -5.04 -25.23 -2.81
CA PRO A 24 -4.88 -26.49 -3.53
C PRO A 24 -3.58 -27.18 -3.25
N ASP A 25 -3.61 -28.48 -3.49
CA ASP A 25 -2.47 -29.33 -3.17
C ASP A 25 -1.27 -29.09 -4.03
N TYR A 26 -1.43 -28.52 -5.20
CA TYR A 26 -0.29 -28.21 -6.08
C TYR A 26 0.35 -26.88 -5.72
N ALA A 27 -0.28 -26.11 -4.85
CA ALA A 27 0.20 -24.74 -4.60
C ALA A 27 1.30 -24.85 -3.54
N HIS A 28 2.55 -24.57 -3.89
CA HIS A 28 3.65 -24.96 -3.05
C HIS A 28 3.95 -24.04 -1.88
N LEU A 29 3.56 -22.77 -1.97
CA LEU A 29 3.80 -21.87 -0.85
C LEU A 29 2.87 -22.23 0.30
N THR A 30 3.38 -22.06 1.51
CA THR A 30 2.57 -22.38 2.69
C THR A 30 1.62 -21.24 3.04
N PRO A 31 0.43 -21.58 3.52
CA PRO A 31 -0.46 -20.60 4.12
C PRO A 31 0.25 -19.75 5.18
N ARG A 32 1.12 -20.33 5.99
CA ARG A 32 1.86 -19.56 6.97
C ARG A 32 2.61 -18.42 6.33
N GLU A 33 3.40 -18.71 5.31
CA GLU A 33 4.22 -17.69 4.69
C GLU A 33 3.34 -16.65 4.03
N LEU A 34 2.28 -17.11 3.34
CA LEU A 34 1.44 -16.19 2.58
C LEU A 34 0.68 -15.23 3.50
N ALA A 35 0.07 -15.79 4.54
CA ALA A 35 -0.67 -14.97 5.52
C ALA A 35 0.23 -13.97 6.22
N SER A 36 1.45 -14.38 6.51
CA SER A 36 2.39 -13.44 7.15
C SER A 36 2.72 -12.24 6.28
N ALA A 37 2.73 -12.44 4.96
CA ALA A 37 2.98 -11.38 3.99
C ALA A 37 1.72 -10.59 3.66
N GLY A 38 0.64 -10.78 4.43
CA GLY A 38 -0.56 -10.03 4.20
C GLY A 38 -1.60 -10.62 3.30
N LEU A 39 -1.32 -11.83 2.81
CA LEU A 39 -2.10 -12.42 1.73
C LEU A 39 -3.10 -13.44 2.24
N TYR A 40 -4.25 -13.50 1.61
CA TYR A 40 -5.25 -14.46 1.93
C TYR A 40 -5.79 -15.09 0.62
N TYR A 41 -6.38 -16.26 0.77
CA TYR A 41 -6.82 -17.01 -0.39
C TYR A 41 -8.17 -16.50 -0.89
N THR A 42 -8.25 -16.28 -2.20
CA THR A 42 -9.47 -15.80 -2.82
C THR A 42 -10.43 -16.95 -3.14
N GLY A 43 -9.98 -18.19 -3.02
CA GLY A 43 -10.80 -19.35 -3.34
C GLY A 43 -10.72 -19.83 -4.78
N ILE A 44 -9.90 -19.20 -5.60
CA ILE A 44 -9.79 -19.50 -7.02
C ILE A 44 -8.35 -19.85 -7.29
N GLY A 45 -8.11 -21.03 -7.88
CA GLY A 45 -6.75 -21.41 -8.27
C GLY A 45 -5.74 -21.26 -7.13
N ASP A 46 -4.60 -20.69 -7.45
CA ASP A 46 -3.62 -20.32 -6.44
C ASP A 46 -3.59 -18.80 -6.23
N GLN A 47 -4.74 -18.15 -6.42
N GLN A 47 -4.75 -18.16 -6.40
CA GLN A 47 -4.84 -16.70 -6.41
CA GLN A 47 -4.87 -16.69 -6.40
C GLN A 47 -5.03 -16.25 -4.97
C GLN A 47 -5.11 -16.16 -5.00
N VAL A 48 -4.19 -15.31 -4.56
CA VAL A 48 -4.27 -14.71 -3.23
C VAL A 48 -4.40 -13.21 -3.39
N GLN A 49 -4.84 -12.57 -2.33
CA GLN A 49 -5.02 -11.12 -2.33
C GLN A 49 -4.49 -10.53 -1.04
N CYS A 50 -3.94 -9.33 -1.16
CA CYS A 50 -3.46 -8.59 0.02
C CYS A 50 -4.63 -7.84 0.71
N PHE A 51 -4.76 -8.02 2.03
CA PHE A 51 -5.80 -7.32 2.77
C PHE A 51 -5.63 -5.81 2.76
N ALA A 52 -4.39 -5.34 2.58
CA ALA A 52 -4.05 -3.95 2.70
C ALA A 52 -4.23 -3.26 1.37
N CYS A 53 -3.40 -3.61 0.37
CA CYS A 53 -3.40 -2.90 -0.91
C CYS A 53 -4.46 -3.44 -1.88
N GLY A 54 -4.96 -4.64 -1.61
CA GLY A 54 -5.89 -5.29 -2.52
C GLY A 54 -5.26 -5.96 -3.73
N GLY A 55 -3.96 -5.93 -3.88
CA GLY A 55 -3.34 -6.59 -5.02
C GLY A 55 -3.54 -8.08 -4.95
N LYS A 56 -3.62 -8.68 -6.13
CA LYS A 56 -3.83 -10.12 -6.26
C LYS A 56 -2.65 -10.71 -7.03
N LEU A 57 -2.21 -11.90 -6.60
CA LEU A 57 -1.12 -12.65 -7.18
C LEU A 57 -1.57 -14.05 -7.46
N LYS A 58 -1.12 -14.55 -8.61
CA LYS A 58 -1.37 -15.95 -8.99
C LYS A 58 -0.17 -16.51 -9.76
N ASN A 59 -0.26 -17.81 -10.03
CA ASN A 59 0.74 -18.55 -10.80
C ASN A 59 2.11 -18.44 -10.19
N TRP A 60 2.13 -18.82 -8.92
CA TRP A 60 3.36 -18.91 -8.17
C TRP A 60 4.33 -19.87 -8.79
N GLU A 61 5.61 -19.55 -8.72
CA GLU A 61 6.67 -20.39 -9.31
C GLU A 61 7.69 -20.77 -8.30
N PRO A 62 8.43 -21.87 -8.55
CA PRO A 62 9.43 -22.28 -7.57
C PRO A 62 10.46 -21.18 -7.37
N GLY A 63 10.82 -20.92 -6.13
CA GLY A 63 11.75 -19.88 -5.84
C GLY A 63 11.06 -18.59 -5.43
N ASP A 64 9.78 -18.44 -5.79
CA ASP A 64 9.00 -17.29 -5.31
C ASP A 64 8.90 -17.31 -3.80
N ARG A 65 9.04 -16.15 -3.22
CA ARG A 65 8.73 -15.93 -1.82
C ARG A 65 7.56 -14.96 -1.71
N ALA A 66 6.72 -15.14 -0.73
CA ALA A 66 5.54 -14.30 -0.64
C ALA A 66 5.89 -12.82 -0.50
N TRP A 67 6.79 -12.48 0.43
CA TRP A 67 7.10 -11.06 0.64
C TRP A 67 7.76 -10.45 -0.56
N SER A 68 8.72 -11.15 -1.18
CA SER A 68 9.42 -10.51 -2.31
C SER A 68 8.48 -10.34 -3.51
N GLU A 69 7.60 -11.30 -3.75
CA GLU A 69 6.60 -11.12 -4.80
C GLU A 69 5.64 -9.98 -4.47
N HIS A 70 5.18 -9.89 -3.21
CA HIS A 70 4.28 -8.81 -2.84
C HIS A 70 4.97 -7.47 -3.05
N ARG A 71 6.23 -7.34 -2.62
CA ARG A 71 6.94 -6.06 -2.74
C ARG A 71 7.28 -5.78 -4.20
N ARG A 72 7.60 -6.81 -4.98
CA ARG A 72 7.96 -6.55 -6.40
C ARG A 72 6.78 -6.01 -7.16
N HIS A 73 5.59 -6.57 -6.93
CA HIS A 73 4.45 -6.21 -7.72
C HIS A 73 3.68 -5.03 -7.16
N PHE A 74 3.66 -4.89 -5.83
CA PHE A 74 2.88 -3.85 -5.16
C PHE A 74 3.77 -3.10 -4.18
N PRO A 75 4.77 -2.38 -4.69
CA PRO A 75 5.76 -1.80 -3.80
C PRO A 75 5.24 -0.66 -2.94
N ASN A 76 4.10 -0.07 -3.29
CA ASN A 76 3.54 1.05 -2.58
C ASN A 76 2.47 0.61 -1.59
N CYS A 77 2.33 -0.68 -1.34
CA CYS A 77 1.39 -1.16 -0.35
C CYS A 77 1.80 -0.77 1.05
N PHE A 78 0.84 -0.34 1.86
CA PHE A 78 1.19 0.10 3.20
C PHE A 78 1.67 -1.06 4.05
N PHE A 79 1.23 -2.29 3.77
CA PHE A 79 1.73 -3.40 4.57
C PHE A 79 3.19 -3.71 4.21
N VAL A 80 3.50 -3.65 2.92
CA VAL A 80 4.85 -3.78 2.45
C VAL A 80 5.74 -2.71 3.05
N LEU A 81 5.28 -1.48 3.07
CA LEU A 81 6.08 -0.34 3.50
C LEU A 81 6.09 -0.16 5.02
N GLY A 82 5.30 -0.95 5.75
CA GLY A 82 5.16 -0.86 7.21
C GLY A 82 5.93 -1.97 7.86
N ARG A 83 6.47 -2.89 7.05
CA ARG A 83 7.06 -4.16 7.51
C ARG A 83 8.31 -3.94 8.37
N SER B 1 5.49 -15.10 -9.50
CA SER B 1 4.01 -14.92 -9.58
C SER B 1 3.71 -13.75 -10.54
N VAL B 2 2.44 -13.62 -10.87
CA VAL B 2 1.98 -12.48 -11.69
C VAL B 2 0.77 -11.82 -11.04
N PRO B 3 0.63 -10.48 -11.22
CA PRO B 3 -0.56 -9.82 -10.67
C PRO B 3 -1.75 -10.11 -11.52
N ILE B 4 -2.93 -10.07 -10.92
CA ILE B 4 -4.20 -10.13 -11.67
C ILE B 4 -4.61 -8.71 -11.95
N ALA C 9 10.22 13.53 -12.57
CA ALA C 9 9.08 14.42 -12.95
C ALA C 9 8.34 14.97 -11.73
N MET C 10 7.94 14.09 -10.81
CA MET C 10 7.47 14.50 -9.50
C MET C 10 8.61 14.55 -8.47
N TYR C 11 9.87 14.45 -8.93
CA TYR C 11 11.04 14.67 -8.03
C TYR C 11 11.18 16.10 -7.53
N SER C 12 10.84 17.04 -8.40
CA SER C 12 10.83 18.46 -8.03
C SER C 12 9.67 18.78 -7.11
N GLU C 13 9.98 19.38 -5.96
CA GLU C 13 8.96 19.91 -5.05
C GLU C 13 8.06 20.91 -5.79
N GLU C 14 8.64 21.68 -6.71
CA GLU C 14 7.87 22.61 -7.53
C GLU C 14 6.84 21.90 -8.43
N ALA C 15 7.21 20.75 -8.98
CA ALA C 15 6.31 20.02 -9.89
C ALA C 15 5.18 19.35 -9.10
N ARG C 16 5.50 19.00 -7.86
CA ARG C 16 4.49 18.36 -6.98
C ARG C 16 3.49 19.45 -6.63
N LEU C 17 3.97 20.67 -6.42
CA LEU C 17 3.06 21.82 -6.16
C LEU C 17 2.05 22.04 -7.28
N LYS C 18 2.54 22.01 -8.50
CA LYS C 18 1.69 22.20 -9.66
C LYS C 18 0.62 21.13 -9.80
N SER C 19 0.87 19.93 -9.27
CA SER C 19 -0.17 18.89 -9.29
C SER C 19 -1.40 19.26 -8.51
N PHE C 20 -1.28 20.24 -7.60
CA PHE C 20 -2.38 20.65 -6.72
C PHE C 20 -3.33 21.67 -7.36
N GLN C 21 -3.29 21.77 -8.70
CA GLN C 21 -4.40 22.39 -9.40
C GLN C 21 -5.59 21.49 -9.08
N ASN C 22 -6.71 22.10 -8.80
CA ASN C 22 -7.95 21.37 -8.58
C ASN C 22 -8.01 20.73 -7.19
N TRP C 23 -7.02 20.99 -6.33
CA TRP C 23 -7.06 20.53 -4.92
C TRP C 23 -8.32 21.14 -4.27
N PRO C 24 -9.12 20.33 -3.61
CA PRO C 24 -10.42 20.85 -3.19
C PRO C 24 -10.27 21.81 -2.05
N ASP C 25 -11.19 22.78 -2.00
CA ASP C 25 -11.14 23.87 -1.00
C ASP C 25 -11.39 23.38 0.39
N TYR C 26 -12.14 22.30 0.53
CA TYR C 26 -12.42 21.76 1.86
C TYR C 26 -11.21 21.15 2.52
N ALA C 27 -10.25 20.69 1.72
CA ALA C 27 -9.20 19.82 2.25
C ALA C 27 -8.45 20.46 3.39
N HIS C 28 -8.08 19.63 4.36
CA HIS C 28 -7.61 20.11 5.65
C HIS C 28 -6.08 20.30 5.73
N LEU C 29 -5.37 20.11 4.61
CA LEU C 29 -3.93 20.52 4.45
C LEU C 29 -3.69 21.21 3.12
N THR C 30 -2.62 21.99 3.05
CA THR C 30 -2.27 22.78 1.87
C THR C 30 -1.34 22.06 0.90
N PRO C 31 -1.40 22.44 -0.40
CA PRO C 31 -0.47 21.97 -1.40
C PRO C 31 0.98 22.08 -1.02
N ARG C 32 1.40 23.21 -0.44
CA ARG C 32 2.81 23.40 -0.14
C ARG C 32 3.28 22.46 0.95
N GLU C 33 2.50 22.29 2.00
CA GLU C 33 2.84 21.35 3.04
C GLU C 33 2.98 19.89 2.49
N LEU C 34 1.99 19.50 1.70
CA LEU C 34 1.93 18.15 1.16
C LEU C 34 3.14 17.97 0.25
N ALA C 35 3.38 18.93 -0.63
CA ALA C 35 4.46 18.78 -1.62
C ALA C 35 5.82 18.70 -0.95
N SER C 36 5.95 19.47 0.12
CA SER C 36 7.20 19.45 0.89
C SER C 36 7.49 18.08 1.58
N ALA C 37 6.42 17.37 1.92
CA ALA C 37 6.51 16.04 2.52
C ALA C 37 6.56 14.94 1.45
N GLY C 38 6.74 15.31 0.19
CA GLY C 38 6.97 14.37 -0.92
C GLY C 38 5.73 13.97 -1.66
N LEU C 39 4.60 14.60 -1.33
CA LEU C 39 3.30 14.16 -1.79
C LEU C 39 2.77 15.02 -2.92
N TYR C 40 2.14 14.42 -3.90
CA TYR C 40 1.50 15.12 -4.96
C TYR C 40 0.06 14.67 -5.12
N TYR C 41 -0.78 15.47 -5.75
CA TYR C 41 -2.18 15.18 -5.87
C TYR C 41 -2.42 14.18 -6.98
N THR C 42 -3.29 13.21 -6.73
CA THR C 42 -3.56 12.19 -7.70
C THR C 42 -4.68 12.64 -8.62
N GLY C 43 -5.38 13.71 -8.23
CA GLY C 43 -6.45 14.27 -9.02
C GLY C 43 -7.83 13.92 -8.56
N ILE C 44 -7.97 13.04 -7.55
CA ILE C 44 -9.29 12.66 -7.01
C ILE C 44 -9.39 12.93 -5.50
N GLY C 45 -10.52 13.48 -5.05
CA GLY C 45 -10.79 13.71 -3.65
C GLY C 45 -9.69 14.55 -3.09
N ASP C 46 -9.22 14.14 -1.91
CA ASP C 46 -8.06 14.75 -1.28
C ASP C 46 -6.90 13.74 -1.24
N GLN C 47 -6.86 12.84 -2.23
CA GLN C 47 -5.84 11.82 -2.25
C GLN C 47 -4.50 12.33 -2.80
N VAL C 48 -3.43 11.96 -2.13
CA VAL C 48 -2.09 12.27 -2.55
C VAL C 48 -1.23 11.02 -2.53
N GLN C 49 -0.08 11.12 -3.20
CA GLN C 49 0.81 10.00 -3.37
C GLN C 49 2.23 10.49 -3.22
N CYS C 50 3.09 9.64 -2.66
CA CYS C 50 4.50 10.00 -2.48
C CYS C 50 5.30 9.69 -3.75
N PHE C 51 6.17 10.62 -4.13
CA PHE C 51 7.00 10.49 -5.33
C PHE C 51 8.06 9.43 -5.16
N ALA C 52 8.38 9.08 -3.92
CA ALA C 52 9.47 8.12 -3.63
C ALA C 52 8.94 6.72 -3.37
N CYS C 53 8.00 6.56 -2.46
CA CYS C 53 7.46 5.24 -2.14
C CYS C 53 6.18 4.89 -2.86
N GLY C 54 5.49 5.87 -3.45
CA GLY C 54 4.25 5.63 -4.10
C GLY C 54 3.06 5.45 -3.16
N GLY C 55 3.29 5.51 -1.87
CA GLY C 55 2.17 5.35 -0.94
C GLY C 55 1.11 6.44 -1.09
N LYS C 56 -0.14 6.05 -0.93
CA LYS C 56 -1.27 6.95 -1.09
C LYS C 56 -1.90 7.24 0.24
N LEU C 57 -2.31 8.50 0.40
CA LEU C 57 -2.96 8.96 1.64
C LEU C 57 -4.17 9.80 1.24
N LYS C 58 -5.27 9.68 1.98
CA LYS C 58 -6.45 10.45 1.69
C LYS C 58 -7.26 10.59 2.95
N ASN C 59 -8.38 11.28 2.85
CA ASN C 59 -9.28 11.53 3.99
C ASN C 59 -8.55 12.17 5.15
N TRP C 60 -7.83 13.22 4.83
CA TRP C 60 -7.10 14.02 5.82
C TRP C 60 -8.10 14.68 6.76
N GLU C 61 -7.78 14.68 8.04
CA GLU C 61 -8.62 15.28 9.07
C GLU C 61 -7.97 16.50 9.65
N PRO C 62 -8.78 17.44 10.19
CA PRO C 62 -8.20 18.65 10.83
C PRO C 62 -7.10 18.33 11.83
N GLY C 63 -6.00 19.07 11.76
CA GLY C 63 -4.88 18.83 12.67
C GLY C 63 -3.87 17.82 12.17
N ASP C 64 -4.20 17.06 11.12
CA ASP C 64 -3.19 16.13 10.55
C ASP C 64 -2.03 16.90 10.01
N ARG C 65 -0.83 16.32 10.08
CA ARG C 65 0.35 16.91 9.45
C ARG C 65 0.79 15.94 8.36
N ALA C 66 1.20 16.47 7.22
CA ALA C 66 1.65 15.63 6.07
C ALA C 66 2.80 14.70 6.47
N TRP C 67 3.86 15.24 7.04
CA TRP C 67 4.98 14.38 7.39
C TRP C 67 4.61 13.30 8.39
N SER C 68 3.82 13.63 9.40
CA SER C 68 3.46 12.65 10.40
C SER C 68 2.71 11.47 9.82
N GLU C 69 1.75 11.76 8.96
CA GLU C 69 0.98 10.68 8.34
C GLU C 69 1.83 9.85 7.37
N HIS C 70 2.66 10.54 6.60
CA HIS C 70 3.55 9.86 5.65
C HIS C 70 4.44 8.88 6.40
N ARG C 71 5.07 9.33 7.47
CA ARG C 71 5.93 8.47 8.26
C ARG C 71 5.17 7.37 9.02
N ARG C 72 3.98 7.68 9.51
CA ARG C 72 3.21 6.67 10.22
C ARG C 72 2.85 5.47 9.36
N HIS C 73 2.44 5.75 8.14
CA HIS C 73 1.93 4.67 7.28
C HIS C 73 2.95 4.06 6.36
N PHE C 74 3.98 4.79 6.02
CA PHE C 74 4.99 4.31 5.08
C PHE C 74 6.38 4.47 5.67
N PRO C 75 6.64 3.83 6.83
CA PRO C 75 7.91 4.06 7.50
C PRO C 75 9.15 3.61 6.75
N ASN C 76 9.01 2.65 5.84
CA ASN C 76 10.15 2.18 5.05
C ASN C 76 10.36 2.96 3.77
N CYS C 77 9.57 4.01 3.52
CA CYS C 77 9.82 4.93 2.40
C CYS C 77 11.20 5.53 2.60
N PHE C 78 11.99 5.54 1.54
CA PHE C 78 13.34 6.06 1.61
C PHE C 78 13.39 7.52 1.94
N PHE C 79 12.41 8.28 1.45
CA PHE C 79 12.35 9.71 1.71
C PHE C 79 12.03 9.95 3.19
N VAL C 80 11.06 9.21 3.71
CA VAL C 80 10.79 9.25 5.17
C VAL C 80 12.06 8.90 5.97
N LEU C 81 12.75 7.84 5.61
CA LEU C 81 13.92 7.35 6.34
C LEU C 81 15.00 8.41 6.37
N GLY C 82 15.16 9.16 5.29
CA GLY C 82 16.13 10.25 5.22
C GLY C 82 15.72 11.45 6.06
N ARG C 83 14.45 11.85 5.96
CA ARG C 83 13.87 12.93 6.79
C ARG C 83 14.06 12.66 8.29
N ASN C 84 13.97 11.40 8.69
CA ASN C 84 14.20 11.04 10.09
C ASN C 84 15.69 11.19 10.43
ZN ZN D . -0.34 -5.34 -0.30
ZN ZN E . 6.99 8.00 0.71
#